data_4UYR
#
_entry.id   4UYR
#
_cell.length_a   30.450
_cell.length_b   54.830
_cell.length_c   121.910
_cell.angle_alpha   90.00
_cell.angle_beta   90.00
_cell.angle_gamma   90.00
#
_symmetry.space_group_name_H-M   'P 21 21 21'
#
loop_
_entity.id
_entity.type
_entity.pdbx_description
1 polymer 'FLOCCULATION PROTEIN FLO11'
2 non-polymer 'SODIUM ION'
3 non-polymer 'MAGNESIUM ION'
4 non-polymer 'PHOSPHATE ION'
5 water water
#
_entity_poly.entity_id   1
_entity_poly.type   'polypeptide(L)'
_entity_poly.pdbx_seq_one_letter_code
;MGSSHHHHHHSSGLVPRGSHMFPTALVPRGSSEGTSCNSIVNGCPNLDFNWHMDQQNIMQYTLDVTSVSWVQDNTYQITI
HVKGKENIDLKYLWSLKIIGVTGPKGTVQLYGYNENTYLIDNPTDFTATFEVYATQDVNSCQVWMPNFQIQFEYLQGSAA
QYASSWQWGTTSFDLSTGCNNYDNQGHSQTDFPGFYWNIDCDNNCGGTKSS
;
_entity_poly.pdbx_strand_id   A
#
loop_
_chem_comp.id
_chem_comp.type
_chem_comp.name
_chem_comp.formula
MG non-polymer 'MAGNESIUM ION' 'Mg 2'
NA non-polymer 'SODIUM ION' 'Na 1'
PO4 non-polymer 'PHOSPHATE ION' 'O4 P -3'
#
# COMPACT_ATOMS: atom_id res chain seq x y z
N GLY A 2 -16.71 -22.87 -14.92
CA GLY A 2 -15.82 -22.10 -15.81
C GLY A 2 -14.42 -21.97 -15.22
N SER A 3 -13.57 -21.19 -15.89
N SER A 3 -13.56 -21.23 -15.89
CA SER A 3 -12.18 -21.03 -15.49
CA SER A 3 -12.19 -21.07 -15.43
C SER A 3 -12.07 -20.13 -14.26
C SER A 3 -12.07 -20.12 -14.25
N SER A 4 -11.13 -20.50 -13.37
CA SER A 4 -10.71 -19.63 -12.28
C SER A 4 -9.17 -19.51 -12.22
N HIS A 5 -8.51 -19.76 -13.34
CA HIS A 5 -7.07 -19.51 -13.40
C HIS A 5 -6.74 -18.06 -13.10
N HIS A 6 -7.46 -17.16 -13.72
CA HIS A 6 -7.23 -15.73 -13.60
C HIS A 6 -8.23 -15.15 -12.61
N HIS A 7 -7.83 -14.10 -11.90
CA HIS A 7 -8.76 -13.36 -11.05
C HIS A 7 -9.69 -12.54 -11.87
N HIS A 8 -10.99 -12.55 -11.66
CA HIS A 8 -11.90 -11.78 -12.52
C HIS A 8 -12.10 -10.39 -11.93
N HIS A 9 -12.23 -9.45 -12.84
CA HIS A 9 -12.50 -8.08 -12.53
C HIS A 9 -13.81 -7.64 -13.16
N HIS A 10 -14.45 -6.63 -12.57
CA HIS A 10 -15.59 -5.96 -13.18
C HIS A 10 -15.11 -5.16 -14.40
N SER A 11 -15.93 -5.19 -15.43
N SER A 11 -15.93 -5.11 -15.44
CA SER A 11 -15.61 -4.52 -16.68
CA SER A 11 -15.53 -4.45 -16.67
C SER A 11 -16.79 -3.80 -17.28
C SER A 11 -16.76 -3.82 -17.29
N SER A 12 -16.51 -2.70 -17.99
CA SER A 12 -17.53 -1.99 -18.74
C SER A 12 -17.68 -2.71 -20.08
N GLY A 30 -20.40 -6.87 -16.97
CA GLY A 30 -19.27 -7.44 -17.65
C GLY A 30 -18.17 -7.86 -16.71
N SER A 31 -17.36 -8.79 -17.18
CA SER A 31 -16.19 -9.20 -16.42
CA SER A 31 -16.26 -9.40 -16.44
C SER A 31 -15.03 -9.49 -17.35
N SER A 32 -13.85 -9.42 -16.77
CA SER A 32 -12.63 -9.64 -17.50
C SER A 32 -11.66 -10.51 -16.71
N GLU A 33 -10.75 -11.13 -17.43
CA GLU A 33 -9.68 -11.94 -16.87
C GLU A 33 -8.54 -11.04 -16.42
N GLY A 34 -8.19 -11.07 -15.15
CA GLY A 34 -6.99 -10.42 -14.66
C GLY A 34 -5.75 -11.10 -15.20
N THR A 35 -4.65 -10.34 -15.28
CA THR A 35 -3.36 -10.90 -15.68
C THR A 35 -2.39 -10.69 -14.51
N SER A 36 -1.97 -11.79 -13.88
CA SER A 36 -1.14 -11.73 -12.69
CA SER A 36 -1.15 -11.68 -12.69
C SER A 36 0.31 -11.46 -13.06
N CYS A 37 0.91 -10.48 -12.41
CA CYS A 37 2.34 -10.24 -12.53
C CYS A 37 3.11 -11.22 -11.68
N ASN A 38 4.15 -11.84 -12.27
CA ASN A 38 4.96 -12.81 -11.54
C ASN A 38 6.02 -12.16 -10.65
N SER A 39 6.64 -11.11 -11.10
CA SER A 39 7.73 -10.48 -10.35
CA SER A 39 7.77 -10.43 -10.46
C SER A 39 7.36 -9.08 -9.92
N ILE A 40 7.29 -8.91 -8.63
CA ILE A 40 6.95 -7.65 -8.00
C ILE A 40 8.23 -7.22 -7.28
N VAL A 41 8.83 -6.12 -7.69
CA VAL A 41 10.20 -5.80 -7.28
C VAL A 41 10.20 -4.59 -6.36
N ASN A 42 10.87 -4.73 -5.21
CA ASN A 42 11.19 -3.61 -4.34
C ASN A 42 12.24 -2.78 -5.06
N GLY A 43 11.91 -1.53 -5.38
CA GLY A 43 12.78 -0.73 -6.21
C GLY A 43 13.96 -0.08 -5.51
N CYS A 44 14.07 -0.23 -4.19
CA CYS A 44 15.10 0.47 -3.45
C CYS A 44 15.34 -0.15 -2.09
N PRO A 45 15.72 -1.44 -2.06
CA PRO A 45 15.78 -2.15 -0.80
C PRO A 45 16.98 -1.76 0.05
N ASN A 46 17.91 -0.97 -0.48
CA ASN A 46 19.04 -0.57 0.32
C ASN A 46 18.90 0.78 1.01
N LEU A 47 17.81 1.51 0.81
CA LEU A 47 17.54 2.74 1.59
C LEU A 47 17.19 2.36 3.02
N ASP A 48 17.49 3.27 3.93
CA ASP A 48 17.07 3.17 5.34
C ASP A 48 15.74 3.91 5.47
N PHE A 49 14.68 3.14 5.61
CA PHE A 49 13.33 3.68 5.82
C PHE A 49 13.03 3.95 7.30
N ASN A 50 13.68 3.19 8.15
CA ASN A 50 13.38 3.28 9.59
C ASN A 50 13.72 4.65 10.12
N TRP A 51 14.80 5.22 9.64
CA TRP A 51 15.20 6.56 10.08
C TRP A 51 14.04 7.60 10.00
N HIS A 52 13.27 7.54 8.91
CA HIS A 52 12.25 8.54 8.74
C HIS A 52 11.13 8.40 9.77
N MET A 53 10.76 7.19 10.19
CA MET A 53 9.79 6.96 11.25
C MET A 53 10.42 7.29 12.63
N ASP A 54 11.65 6.86 12.85
CA ASP A 54 12.33 7.08 14.13
C ASP A 54 12.42 8.59 14.41
N GLN A 55 12.76 9.41 13.42
CA GLN A 55 12.91 10.85 13.62
C GLN A 55 11.60 11.54 14.00
N GLN A 56 10.46 10.90 13.69
CA GLN A 56 9.15 11.42 14.01
C GLN A 56 8.55 10.74 15.24
N ASN A 57 9.31 9.88 15.89
CA ASN A 57 8.82 9.09 17.02
C ASN A 57 7.60 8.23 16.64
N ILE A 58 7.58 7.75 15.41
CA ILE A 58 6.52 6.85 14.95
C ILE A 58 7.10 5.44 15.06
N MET A 59 6.30 4.52 15.58
CA MET A 59 6.69 3.11 15.61
C MET A 59 6.98 2.63 14.19
N GLN A 60 7.98 1.77 14.04
CA GLN A 60 8.28 1.27 12.71
C GLN A 60 7.16 0.36 12.18
N TYR A 61 6.91 0.55 10.89
CA TYR A 61 6.01 -0.31 10.11
C TYR A 61 6.78 -0.68 8.84
N THR A 62 6.35 -1.81 8.24
CA THR A 62 6.81 -2.22 6.92
C THR A 62 5.61 -2.40 6.00
N LEU A 63 5.89 -2.31 4.69
CA LEU A 63 4.87 -2.53 3.64
C LEU A 63 5.48 -3.43 2.57
N ASP A 64 4.68 -4.41 2.13
CA ASP A 64 5.03 -5.23 0.98
C ASP A 64 3.84 -5.19 0.02
N VAL A 65 4.15 -5.28 -1.27
CA VAL A 65 3.15 -5.47 -2.33
C VAL A 65 3.13 -6.95 -2.65
N THR A 66 2.06 -7.64 -2.29
CA THR A 66 2.01 -9.09 -2.36
C THR A 66 1.36 -9.66 -3.61
N SER A 67 0.59 -8.87 -4.34
CA SER A 67 0.05 -9.29 -5.62
CA SER A 67 -0.11 -9.28 -5.55
CA SER A 67 -0.05 -9.29 -5.58
C SER A 67 -0.27 -8.07 -6.46
N VAL A 68 -0.17 -8.27 -7.77
CA VAL A 68 -0.47 -7.25 -8.77
C VAL A 68 -1.18 -7.96 -9.91
N SER A 69 -2.35 -7.47 -10.31
CA SER A 69 -3.11 -8.00 -11.42
C SER A 69 -3.46 -6.86 -12.37
N TRP A 70 -3.05 -6.98 -13.63
CA TRP A 70 -3.43 -6.00 -14.65
C TRP A 70 -4.92 -6.17 -14.97
N VAL A 71 -5.64 -5.07 -14.91
CA VAL A 71 -7.08 -5.05 -15.20
C VAL A 71 -7.30 -4.77 -16.68
N GLN A 72 -6.87 -3.61 -17.14
CA GLN A 72 -6.93 -3.14 -18.52
C GLN A 72 -6.25 -1.76 -18.51
N ASP A 73 -6.07 -1.16 -19.68
CA ASP A 73 -5.50 0.20 -19.75
C ASP A 73 -4.11 0.15 -19.04
N ASN A 74 -3.89 1.10 -18.16
CA ASN A 74 -2.67 1.01 -17.27
C ASN A 74 -3.10 0.86 -15.82
N THR A 75 -4.23 0.16 -15.62
CA THR A 75 -4.84 -0.02 -14.32
C THR A 75 -4.51 -1.42 -13.78
N TYR A 76 -4.03 -1.42 -12.54
CA TYR A 76 -3.63 -2.65 -11.84
C TYR A 76 -4.33 -2.71 -10.50
N GLN A 77 -4.79 -3.91 -10.12
CA GLN A 77 -5.31 -4.17 -8.79
C GLN A 77 -4.15 -4.72 -7.98
N ILE A 78 -3.80 -4.04 -6.91
CA ILE A 78 -2.67 -4.41 -6.06
C ILE A 78 -3.14 -4.72 -4.67
N THR A 79 -2.39 -5.60 -4.01
CA THR A 79 -2.62 -5.94 -2.61
C THR A 79 -1.34 -5.59 -1.83
N ILE A 80 -1.54 -4.91 -0.72
CA ILE A 80 -0.45 -4.56 0.19
C ILE A 80 -0.66 -5.26 1.51
N HIS A 81 0.46 -5.50 2.20
CA HIS A 81 0.50 -6.05 3.54
C HIS A 81 1.36 -5.13 4.41
N VAL A 82 0.76 -4.56 5.44
CA VAL A 82 1.41 -3.61 6.33
C VAL A 82 1.51 -4.22 7.71
N LYS A 83 2.69 -4.15 8.32
N LYS A 83 2.70 -4.15 8.30
CA LYS A 83 2.98 -4.78 9.62
CA LYS A 83 2.92 -4.68 9.65
C LYS A 83 3.67 -3.77 10.52
C LYS A 83 3.63 -3.67 10.50
N GLY A 84 3.17 -3.59 11.75
CA GLY A 84 3.86 -2.80 12.74
C GLY A 84 4.85 -3.61 13.58
N LYS A 85 5.84 -2.94 14.15
CA LYS A 85 6.86 -3.63 14.91
C LYS A 85 6.27 -4.35 16.13
N GLU A 86 5.34 -3.70 16.81
CA GLU A 86 4.63 -4.24 17.96
CA GLU A 86 4.62 -4.19 17.98
C GLU A 86 3.13 -4.25 17.64
N ASN A 87 2.43 -5.14 18.34
CA ASN A 87 1.01 -5.28 18.13
C ASN A 87 0.24 -4.19 18.87
N ILE A 88 -0.59 -3.45 18.14
CA ILE A 88 -1.46 -2.46 18.71
C ILE A 88 -2.89 -2.87 18.49
N ASP A 89 -3.61 -3.09 19.60
CA ASP A 89 -4.99 -3.57 19.53
C ASP A 89 -5.87 -2.56 18.80
N LEU A 90 -6.85 -3.09 18.09
CA LEU A 90 -7.81 -2.30 17.34
C LEU A 90 -8.52 -1.23 18.17
N LYS A 91 -8.66 -1.47 19.47
CA LYS A 91 -9.38 -0.49 20.31
C LYS A 91 -8.68 0.89 20.33
N TYR A 92 -7.39 0.95 20.03
CA TYR A 92 -6.68 2.23 20.05
C TYR A 92 -6.94 3.02 18.78
N LEU A 93 -7.44 2.39 17.72
CA LEU A 93 -7.55 3.05 16.43
C LEU A 93 -8.85 3.84 16.27
N TRP A 94 -8.72 5.04 15.74
CA TRP A 94 -9.86 5.85 15.32
C TRP A 94 -10.11 5.75 13.80
N SER A 95 -9.06 5.97 12.99
CA SER A 95 -9.27 5.86 11.56
CA SER A 95 -9.22 6.02 11.54
C SER A 95 -7.96 5.48 10.86
N LEU A 96 -8.15 4.91 9.66
CA LEU A 96 -7.05 4.43 8.83
C LEU A 96 -7.50 4.53 7.38
N LYS A 97 -6.71 5.21 6.54
CA LYS A 97 -7.08 5.36 5.14
C LYS A 97 -5.81 5.50 4.30
N ILE A 98 -5.92 5.05 3.08
CA ILE A 98 -4.90 5.24 2.05
C ILE A 98 -5.27 6.54 1.29
N ILE A 99 -4.32 7.45 1.16
CA ILE A 99 -4.55 8.72 0.51
C ILE A 99 -3.49 8.97 -0.57
N GLY A 100 -3.81 9.94 -1.44
CA GLY A 100 -2.87 10.30 -2.48
C GLY A 100 -2.70 9.22 -3.54
N VAL A 101 -3.73 8.42 -3.79
CA VAL A 101 -3.62 7.32 -4.72
C VAL A 101 -3.84 7.83 -6.14
N THR A 102 -2.93 7.43 -7.03
CA THR A 102 -3.10 7.65 -8.47
C THR A 102 -3.82 6.40 -9.00
N GLY A 103 -5.14 6.55 -9.17
CA GLY A 103 -6.00 5.42 -9.51
C GLY A 103 -7.43 5.92 -9.55
N PRO A 104 -8.38 5.00 -9.77
CA PRO A 104 -9.81 5.32 -9.85
CA PRO A 104 -9.74 5.51 -9.91
C PRO A 104 -10.33 6.08 -8.64
N LYS A 105 -9.82 5.69 -7.50
CA LYS A 105 -10.17 6.28 -6.22
C LYS A 105 -8.90 6.87 -5.60
N GLY A 106 -8.95 8.16 -5.27
CA GLY A 106 -7.79 8.84 -4.69
C GLY A 106 -7.59 8.53 -3.21
N THR A 107 -8.66 8.11 -2.54
CA THR A 107 -8.68 7.70 -1.12
C THR A 107 -9.31 6.34 -1.01
N VAL A 108 -8.73 5.50 -0.18
CA VAL A 108 -9.26 4.17 0.11
C VAL A 108 -9.44 4.06 1.63
N GLN A 109 -10.68 4.17 2.11
CA GLN A 109 -10.92 4.07 3.54
C GLN A 109 -10.77 2.63 4.00
N LEU A 110 -9.99 2.42 5.06
CA LEU A 110 -9.81 1.08 5.62
C LEU A 110 -10.55 0.89 6.95
N TYR A 111 -10.60 1.94 7.77
CA TYR A 111 -11.26 1.88 9.07
C TYR A 111 -11.72 3.29 9.40
N GLY A 112 -12.95 3.43 9.85
CA GLY A 112 -13.37 4.71 10.37
C GLY A 112 -14.82 4.60 10.76
N TYR A 113 -15.10 5.00 12.00
CA TYR A 113 -16.48 5.05 12.50
C TYR A 113 -17.29 6.07 11.70
N ASN A 114 -16.73 7.22 11.40
CA ASN A 114 -17.46 8.25 10.66
C ASN A 114 -17.94 7.78 9.30
N GLU A 115 -17.17 6.89 8.70
CA GLU A 115 -17.44 6.32 7.37
C GLU A 115 -18.05 4.91 7.35
N ASN A 116 -18.45 4.39 8.54
CA ASN A 116 -18.99 3.02 8.62
C ASN A 116 -18.14 1.99 7.93
N THR A 117 -16.82 2.13 8.03
CA THR A 117 -15.90 1.30 7.29
C THR A 117 -15.06 0.48 8.21
N TYR A 118 -15.08 -0.84 8.07
CA TYR A 118 -14.42 -1.73 9.02
C TYR A 118 -13.78 -2.85 8.24
N LEU A 119 -12.74 -2.52 7.48
CA LEU A 119 -12.15 -3.45 6.52
C LEU A 119 -10.85 -4.05 6.94
N ILE A 120 -10.40 -3.76 8.16
CA ILE A 120 -9.25 -4.35 8.79
C ILE A 120 -9.61 -4.61 10.24
N ASP A 121 -8.88 -5.55 10.85
CA ASP A 121 -9.12 -5.80 12.28
C ASP A 121 -7.86 -5.65 13.14
N ASN A 122 -6.76 -5.20 12.52
CA ASN A 122 -5.51 -5.04 13.29
C ASN A 122 -4.69 -3.98 12.58
N PRO A 123 -4.54 -2.78 13.16
CA PRO A 123 -3.82 -1.71 12.44
C PRO A 123 -2.32 -1.94 12.32
N THR A 124 -1.84 -2.99 13.01
CA THR A 124 -0.44 -3.39 12.94
C THR A 124 -0.22 -4.72 12.21
N ASP A 125 -1.25 -5.23 11.54
CA ASP A 125 -1.09 -6.38 10.64
C ASP A 125 -2.34 -6.42 9.78
N PHE A 126 -2.27 -5.78 8.61
CA PHE A 126 -3.44 -5.69 7.76
C PHE A 126 -3.05 -5.76 6.29
N THR A 127 -4.05 -6.11 5.49
CA THR A 127 -3.92 -6.08 4.04
C THR A 127 -4.97 -5.11 3.49
N ALA A 128 -4.71 -4.65 2.27
CA ALA A 128 -5.66 -3.84 1.55
C ALA A 128 -5.46 -4.09 0.06
N THR A 129 -6.56 -4.03 -0.68
CA THR A 129 -6.55 -4.22 -2.14
C THR A 129 -7.23 -3.04 -2.78
N PHE A 130 -6.59 -2.47 -3.81
CA PHE A 130 -7.12 -1.28 -4.48
C PHE A 130 -6.43 -1.16 -5.83
N GLU A 131 -6.93 -0.22 -6.64
CA GLU A 131 -6.44 -0.04 -8.00
C GLU A 131 -5.54 1.19 -8.13
N VAL A 132 -4.53 1.06 -8.97
CA VAL A 132 -3.63 2.14 -9.30
C VAL A 132 -3.46 2.23 -10.82
N TYR A 133 -3.09 3.43 -11.27
CA TYR A 133 -2.62 3.62 -12.65
C TYR A 133 -1.09 3.70 -12.59
N ALA A 134 -0.41 2.71 -13.16
CA ALA A 134 1.05 2.62 -13.11
C ALA A 134 1.57 2.88 -14.50
N THR A 135 2.22 4.03 -14.70
CA THR A 135 2.60 4.48 -16.02
C THR A 135 4.06 4.91 -16.15
N GLN A 136 4.79 5.20 -15.07
CA GLN A 136 6.14 5.72 -15.20
CA GLN A 136 6.15 5.70 -15.17
C GLN A 136 7.10 4.54 -15.44
N ASP A 137 7.80 4.56 -16.57
CA ASP A 137 8.63 3.42 -16.95
C ASP A 137 9.88 3.32 -16.08
N VAL A 138 10.18 2.10 -15.66
CA VAL A 138 11.51 1.73 -15.16
C VAL A 138 12.43 1.44 -16.35
N ASN A 139 11.88 0.77 -17.35
CA ASN A 139 12.59 0.32 -18.55
C ASN A 139 11.47 -0.01 -19.54
N SER A 140 11.80 -0.63 -20.68
CA SER A 140 10.80 -0.84 -21.71
CA SER A 140 10.81 -0.85 -21.71
C SER A 140 9.78 -1.93 -21.35
N CYS A 141 10.00 -2.68 -20.27
CA CYS A 141 9.12 -3.72 -19.85
C CYS A 141 8.38 -3.49 -18.54
N GLN A 142 8.76 -2.51 -17.75
CA GLN A 142 8.34 -2.43 -16.34
C GLN A 142 7.99 -1.00 -15.98
N VAL A 143 7.00 -0.86 -15.10
CA VAL A 143 6.50 0.41 -14.63
C VAL A 143 6.50 0.45 -13.10
N TRP A 144 6.66 1.67 -12.58
CA TRP A 144 6.59 1.94 -11.16
C TRP A 144 5.17 1.99 -10.65
N MET A 145 4.98 1.45 -9.45
CA MET A 145 3.82 1.77 -8.64
C MET A 145 3.78 3.28 -8.41
N PRO A 146 2.64 3.95 -8.59
CA PRO A 146 2.56 5.33 -8.16
C PRO A 146 2.50 5.39 -6.63
N ASN A 147 3.21 6.34 -6.05
CA ASN A 147 3.31 6.38 -4.60
C ASN A 147 2.07 6.93 -3.93
N PHE A 148 1.92 6.54 -2.66
CA PHE A 148 0.74 6.94 -1.88
C PHE A 148 1.15 7.06 -0.42
N GLN A 149 0.18 7.44 0.43
CA GLN A 149 0.42 7.51 1.85
CA GLN A 149 0.38 7.56 1.86
C GLN A 149 -0.69 6.76 2.58
N ILE A 150 -0.37 6.34 3.81
CA ILE A 150 -1.33 5.70 4.68
C ILE A 150 -1.44 6.58 5.93
N GLN A 151 -2.64 7.08 6.20
CA GLN A 151 -2.92 8.00 7.29
C GLN A 151 -3.54 7.23 8.45
N PHE A 152 -2.81 7.25 9.57
CA PHE A 152 -3.20 6.58 10.82
C PHE A 152 -3.62 7.65 11.83
N GLU A 153 -4.75 7.41 12.48
CA GLU A 153 -5.19 8.21 13.64
C GLU A 153 -5.55 7.28 14.77
N TYR A 154 -4.69 7.26 15.79
CA TYR A 154 -4.95 6.51 17.02
C TYR A 154 -5.38 7.48 18.12
N LEU A 155 -6.15 6.98 19.09
CA LEU A 155 -6.43 7.69 20.35
C LEU A 155 -7.25 8.96 20.11
N GLN A 156 -8.01 9.02 19.03
CA GLN A 156 -8.97 10.10 18.78
C GLN A 156 -10.37 9.51 18.94
N GLY A 157 -11.34 10.41 19.07
CA GLY A 157 -12.72 10.02 19.30
C GLY A 157 -12.82 9.06 20.47
N SER A 158 -13.63 8.02 20.29
CA SER A 158 -13.87 7.01 21.33
C SER A 158 -12.62 6.26 21.77
N ALA A 159 -11.61 6.24 20.91
CA ALA A 159 -10.35 5.58 21.24
C ALA A 159 -9.49 6.34 22.26
N ALA A 160 -9.77 7.62 22.47
CA ALA A 160 -9.07 8.44 23.46
C ALA A 160 -9.14 7.88 24.87
N GLN A 161 -10.19 7.11 25.16
CA GLN A 161 -10.33 6.56 26.50
C GLN A 161 -9.23 5.56 26.87
N TYR A 162 -8.49 5.05 25.90
CA TYR A 162 -7.44 4.08 26.14
C TYR A 162 -6.06 4.74 26.21
N ALA A 163 -6.02 6.07 26.32
CA ALA A 163 -4.74 6.78 26.26
C ALA A 163 -3.78 6.38 27.38
N SER A 164 -4.29 5.99 28.54
CA SER A 164 -3.38 5.64 29.62
C SER A 164 -2.49 4.42 29.36
N SER A 165 -2.87 3.53 28.45
CA SER A 165 -2.08 2.35 28.17
C SER A 165 -1.36 2.41 26.81
N TRP A 166 -1.42 3.57 26.16
CA TRP A 166 -0.77 3.78 24.87
C TRP A 166 0.76 3.88 25.09
N GLN A 167 1.53 3.13 24.31
CA GLN A 167 2.97 3.10 24.52
C GLN A 167 3.79 3.00 23.24
N TRP A 168 3.25 3.53 22.15
CA TRP A 168 3.88 3.38 20.84
C TRP A 168 4.21 4.67 20.14
N GLY A 169 4.34 5.78 20.87
CA GLY A 169 4.82 7.03 20.24
C GLY A 169 3.72 7.80 19.52
N THR A 170 4.12 8.51 18.47
CA THR A 170 3.23 9.46 17.82
C THR A 170 1.93 8.78 17.41
N THR A 171 0.81 9.43 17.69
CA THR A 171 -0.51 8.83 17.53
C THR A 171 -1.23 9.14 16.22
N SER A 172 -0.92 10.26 15.55
CA SER A 172 -1.52 10.56 14.25
C SER A 172 -0.35 10.86 13.32
N PHE A 173 -0.31 10.16 12.18
CA PHE A 173 0.81 10.29 11.26
C PHE A 173 0.40 9.72 9.90
N ASP A 174 1.22 10.09 8.92
CA ASP A 174 1.14 9.57 7.55
C ASP A 174 2.42 8.83 7.24
N LEU A 175 2.31 7.67 6.64
CA LEU A 175 3.46 6.88 6.19
C LEU A 175 3.41 6.85 4.65
N SER A 176 4.50 7.18 4.00
CA SER A 176 4.54 7.31 2.55
CA SER A 176 4.59 7.35 2.56
C SER A 176 5.43 6.23 1.90
N THR A 177 5.10 5.93 0.64
CA THR A 177 5.92 5.04 -0.15
C THR A 177 6.82 5.83 -1.11
N GLY A 178 7.92 5.18 -1.50
CA GLY A 178 8.65 5.56 -2.70
C GLY A 178 10.15 5.40 -2.58
N CYS A 179 10.75 5.40 -3.79
CA CYS A 179 12.19 5.32 -3.99
C CYS A 179 12.85 6.61 -4.44
N ASN A 180 12.06 7.66 -4.57
CA ASN A 180 12.42 8.90 -5.19
C ASN A 180 12.66 10.06 -4.24
N ASN A 181 12.87 9.80 -2.96
CA ASN A 181 13.05 10.89 -2.05
C ASN A 181 13.93 10.41 -0.90
N TYR A 182 15.21 10.78 -0.95
CA TYR A 182 16.16 10.30 0.04
C TYR A 182 17.30 11.32 0.20
N ASP A 183 17.97 11.28 1.34
CA ASP A 183 19.03 12.23 1.63
C ASP A 183 20.36 11.67 1.09
N ASN A 184 21.43 12.42 1.32
CA ASN A 184 22.73 12.11 0.76
C ASN A 184 23.49 11.03 1.52
N GLN A 185 22.85 10.43 2.52
CA GLN A 185 23.37 9.34 3.33
C GLN A 185 22.55 8.06 3.20
N GLY A 186 21.62 8.06 2.25
CA GLY A 186 20.74 6.93 2.04
C GLY A 186 19.63 6.74 3.04
N HIS A 187 19.32 7.79 3.77
CA HIS A 187 18.11 7.72 4.55
C HIS A 187 16.95 8.12 3.66
N SER A 188 15.91 7.29 3.62
CA SER A 188 14.74 7.67 2.87
C SER A 188 14.00 8.79 3.58
N GLN A 189 13.37 9.65 2.80
CA GLN A 189 12.36 10.57 3.30
C GLN A 189 10.95 10.01 3.17
N THR A 190 10.84 8.80 2.65
CA THR A 190 9.64 7.98 2.69
C THR A 190 9.81 6.92 3.76
N ASP A 191 8.69 6.26 4.10
CA ASP A 191 8.66 5.25 5.13
C ASP A 191 8.67 3.82 4.61
N PHE A 192 8.31 3.65 3.34
CA PHE A 192 8.17 2.37 2.72
C PHE A 192 8.80 2.45 1.32
N PRO A 193 9.35 1.35 0.81
CA PRO A 193 9.89 1.35 -0.54
C PRO A 193 8.78 1.58 -1.59
N GLY A 194 9.23 2.08 -2.74
CA GLY A 194 8.50 1.91 -3.97
C GLY A 194 8.73 0.53 -4.59
N PHE A 195 7.85 0.20 -5.54
CA PHE A 195 7.81 -1.11 -6.16
C PHE A 195 7.60 -0.94 -7.68
N TYR A 196 7.98 -1.96 -8.44
CA TYR A 196 7.70 -1.94 -9.88
C TYR A 196 7.35 -3.36 -10.33
N TRP A 197 6.78 -3.44 -11.54
CA TRP A 197 6.32 -4.72 -12.09
C TRP A 197 6.17 -4.56 -13.60
N ASN A 198 5.85 -5.68 -14.26
CA ASN A 198 5.79 -5.67 -15.71
C ASN A 198 4.55 -4.93 -16.23
N ILE A 199 4.78 -4.18 -17.31
CA ILE A 199 3.70 -3.53 -18.04
C ILE A 199 2.70 -4.57 -18.50
N ASP A 200 1.43 -4.30 -18.21
CA ASP A 200 0.30 -5.14 -18.54
C ASP A 200 0.38 -6.52 -17.89
N CYS A 201 1.29 -6.67 -16.91
CA CYS A 201 1.62 -7.97 -16.35
C CYS A 201 1.92 -9.03 -17.45
N ASP A 202 2.51 -8.56 -18.55
CA ASP A 202 2.98 -9.48 -19.60
C ASP A 202 4.33 -10.02 -19.14
N ASN A 203 4.28 -11.24 -18.59
CA ASN A 203 5.47 -11.85 -17.98
C ASN A 203 6.50 -12.31 -19.00
N ASN A 204 6.18 -12.20 -20.28
N ASN A 204 6.14 -12.38 -20.29
CA ASN A 204 7.09 -12.60 -21.35
CA ASN A 204 7.10 -12.59 -21.40
C ASN A 204 7.78 -11.40 -22.00
C ASN A 204 7.46 -11.33 -22.14
N CYS A 205 7.57 -10.20 -21.47
CA CYS A 205 8.19 -9.02 -22.07
C CYS A 205 9.72 -9.19 -22.06
N GLY A 206 10.41 -8.72 -23.09
CA GLY A 206 11.85 -8.61 -23.09
C GLY A 206 12.48 -9.69 -23.94
NA NA B . 6.85 3.29 -6.24
NA NA C . -6.09 -2.38 -22.55
MG MG D . -5.12 -12.21 -12.07
P PO4 E . -11.62 -15.87 -9.55
O1 PO4 E . -12.23 -14.62 -10.10
O2 PO4 E . -10.42 -15.52 -8.70
O3 PO4 E . -12.55 -16.79 -8.84
O4 PO4 E . -11.13 -16.73 -10.70
#